data_9G99
#
_entry.id   9G99
#
_cell.length_a   41.577
_cell.length_b   60.971
_cell.length_c   91.308
_cell.angle_alpha   90.000
_cell.angle_beta   90.000
_cell.angle_gamma   90.000
#
_symmetry.space_group_name_H-M   'P 21 21 21'
#
loop_
_entity.id
_entity.type
_entity.pdbx_description
1 polymer 'Alginate lyase'
2 water water
#
_entity_poly.entity_id   1
_entity_poly.type   'polypeptide(L)'
_entity_poly.pdbx_seq_one_letter_code
;MNSLLTLSLLATNAMFLTAVSSIDTFLPVLNEAKLQWPTSALAASSEELLGGYVGSQFYLQDGKYMQFQIAGSSNRCELR
QMIPDGGSEIGWAVDDGTTHTATSSIVVPEQVDGVEEVTIMQIHSGEAPQLRISWIRSKSLDGVAYEDFIMSTVRIGTGD
SSDNFVKTHLADRTAGAMSFQIDVKDSKLTITVNGNVVVNGQDLSFWDGTDSCYFKAGAYNNNPTSESATARIKFAALAW
VDHHHH
;
_entity_poly.pdbx_strand_id   A
#
# COMPACT_ATOMS: atom_id res chain seq x y z
N PHE A 16 -18.56 20.95 1.13
CA PHE A 16 -17.83 20.44 -0.08
C PHE A 16 -16.56 19.72 0.39
N LEU A 17 -16.11 18.74 -0.39
CA LEU A 17 -14.95 17.95 0.01
C LEU A 17 -13.68 18.70 -0.31
N THR A 18 -12.77 18.69 0.65
CA THR A 18 -11.48 19.33 0.55
C THR A 18 -10.46 18.45 -0.17
N ALA A 19 -9.75 19.01 -1.13
CA ALA A 19 -8.75 18.26 -1.91
C ALA A 19 -7.47 18.00 -1.13
N VAL A 20 -6.87 16.84 -1.41
CA VAL A 20 -5.65 16.48 -0.69
C VAL A 20 -4.56 17.48 -1.02
N SER A 21 -4.54 17.99 -2.24
CA SER A 21 -3.48 18.89 -2.64
C SER A 21 -3.64 20.29 -2.05
N SER A 22 -4.69 20.54 -1.28
CA SER A 22 -4.86 21.85 -0.67
C SER A 22 -3.90 22.15 0.47
N ILE A 23 -3.13 21.16 0.95
CA ILE A 23 -2.10 21.36 1.96
C ILE A 23 -0.79 20.85 1.35
N ASP A 24 0.31 21.08 2.05
CA ASP A 24 1.62 20.80 1.49
C ASP A 24 2.11 19.37 1.71
N THR A 25 1.51 18.67 2.69
CA THR A 25 2.07 17.43 3.23
C THR A 25 2.31 16.36 2.17
N PHE A 26 1.37 16.17 1.25
CA PHE A 26 1.40 15.06 0.30
C PHE A 26 1.81 15.48 -1.10
N LEU A 27 2.23 16.73 -1.30
CA LEU A 27 2.64 17.13 -2.64
C LEU A 27 3.82 16.33 -3.17
N PRO A 28 4.89 16.08 -2.42
CA PRO A 28 5.97 15.25 -2.99
C PRO A 28 5.48 13.91 -3.57
N VAL A 29 4.66 13.15 -2.83
CA VAL A 29 4.25 11.85 -3.35
C VAL A 29 3.24 12.00 -4.48
N LEU A 30 2.36 13.03 -4.43
CA LEU A 30 1.41 13.22 -5.53
C LEU A 30 2.11 13.56 -6.84
N ASN A 31 3.26 14.23 -6.74
CA ASN A 31 4.14 14.47 -7.87
C ASN A 31 4.78 13.20 -8.41
N GLU A 32 4.61 12.05 -7.75
CA GLU A 32 5.26 10.79 -8.12
C GLU A 32 4.26 9.66 -8.05
N ALA A 33 3.02 9.94 -8.43
CA ALA A 33 2.00 8.91 -8.42
C ALA A 33 0.86 9.25 -9.37
N LYS A 34 0.16 8.22 -9.78
CA LYS A 34 -1.17 8.35 -10.36
C LYS A 34 -2.18 7.58 -9.50
N LEU A 35 -3.44 7.99 -9.56
CA LEU A 35 -4.52 7.34 -8.81
C LEU A 35 -5.28 6.35 -9.68
N GLN A 36 -5.40 5.11 -9.23
CA GLN A 36 -6.20 4.08 -9.87
C GLN A 36 -7.44 3.90 -8.99
N TRP A 37 -8.62 3.97 -9.62
CA TRP A 37 -9.90 3.87 -8.94
C TRP A 37 -10.98 3.76 -10.03
N PRO A 38 -12.00 2.89 -9.88
CA PRO A 38 -12.19 1.92 -8.81
C PRO A 38 -11.54 0.60 -9.08
N THR A 39 -10.89 0.43 -10.23
CA THR A 39 -10.16 -0.78 -10.59
C THR A 39 -8.72 -0.35 -10.87
N SER A 40 -7.98 -1.12 -11.66
CA SER A 40 -6.64 -0.72 -12.06
CA SER A 40 -6.64 -0.71 -12.06
C SER A 40 -6.66 0.40 -13.11
N ALA A 41 -7.82 0.83 -13.54
CA ALA A 41 -7.95 1.92 -14.49
C ALA A 41 -7.51 3.25 -13.89
N LEU A 42 -6.88 4.06 -14.71
CA LEU A 42 -6.51 5.42 -14.33
C LEU A 42 -7.73 6.25 -13.96
N ALA A 43 -7.67 6.87 -12.78
CA ALA A 43 -8.66 7.83 -12.36
C ALA A 43 -8.14 9.24 -12.36
N ALA A 44 -6.85 9.46 -12.05
CA ALA A 44 -6.29 10.79 -12.07
C ALA A 44 -4.79 10.68 -12.27
N SER A 45 -4.27 11.44 -13.21
CA SER A 45 -2.83 11.55 -13.38
C SER A 45 -2.23 12.40 -12.25
N SER A 46 -0.91 12.34 -12.18
CA SER A 46 -0.15 13.13 -11.22
C SER A 46 -0.53 14.59 -11.32
N GLU A 47 -0.57 15.12 -12.55
CA GLU A 47 -0.91 16.52 -12.75
C GLU A 47 -2.30 16.86 -12.23
N GLU A 48 -3.28 15.98 -12.49
CA GLU A 48 -4.62 16.17 -11.97
C GLU A 48 -4.66 16.13 -10.44
N LEU A 49 -3.92 15.19 -9.82
CA LEU A 49 -3.88 15.15 -8.36
C LEU A 49 -3.32 16.43 -7.76
N LEU A 50 -2.24 16.95 -8.36
CA LEU A 50 -1.67 18.20 -7.88
C LEU A 50 -2.59 19.37 -8.15
N GLY A 51 -3.46 19.26 -9.15
CA GLY A 51 -4.40 20.28 -9.53
C GLY A 51 -5.70 20.23 -8.78
N GLY A 52 -5.82 19.42 -7.74
CA GLY A 52 -6.99 19.42 -6.90
C GLY A 52 -8.03 18.35 -7.17
N TYR A 53 -7.69 17.26 -7.83
CA TYR A 53 -8.64 16.18 -7.99
C TYR A 53 -9.19 15.76 -6.62
N VAL A 54 -10.50 15.51 -6.57
CA VAL A 54 -11.18 15.23 -5.30
C VAL A 54 -12.47 14.47 -5.57
N GLY A 55 -12.80 13.56 -4.66
CA GLY A 55 -14.07 12.85 -4.64
C GLY A 55 -14.22 12.17 -3.29
N SER A 56 -15.37 11.55 -3.07
CA SER A 56 -15.55 10.85 -1.80
C SER A 56 -14.54 9.71 -1.64
N GLN A 57 -14.02 9.19 -2.76
CA GLN A 57 -13.02 8.14 -2.68
C GLN A 57 -11.66 8.63 -2.23
N PHE A 58 -11.38 9.95 -2.32
CA PHE A 58 -10.03 10.46 -2.17
C PHE A 58 -10.13 11.92 -1.78
N TYR A 59 -10.08 12.20 -0.49
CA TYR A 59 -10.18 13.59 -0.04
C TYR A 59 -9.45 13.78 1.28
N LEU A 60 -9.33 15.04 1.69
CA LEU A 60 -8.57 15.39 2.88
C LEU A 60 -9.51 15.39 4.06
N GLN A 61 -9.18 14.56 5.06
CA GLN A 61 -9.98 14.42 6.27
C GLN A 61 -9.29 15.14 7.43
N ASP A 62 -10.08 15.81 8.27
CA ASP A 62 -9.57 16.52 9.47
C ASP A 62 -8.50 17.56 9.15
N GLY A 63 -8.47 18.07 7.92
CA GLY A 63 -7.47 19.01 7.45
C GLY A 63 -6.07 18.45 7.42
N LYS A 64 -5.91 17.14 7.56
CA LYS A 64 -4.62 16.52 7.90
C LYS A 64 -4.35 15.21 7.18
N TYR A 65 -5.37 14.42 6.87
CA TYR A 65 -5.16 13.04 6.41
C TYR A 65 -5.62 12.87 4.96
N MET A 66 -4.79 12.18 4.18
CA MET A 66 -5.15 11.72 2.86
C MET A 66 -6.01 10.47 3.05
N GLN A 67 -7.33 10.57 2.79
CA GLN A 67 -8.25 9.48 3.08
C GLN A 67 -8.71 8.79 1.79
N PHE A 68 -8.58 7.47 1.82
CA PHE A 68 -8.97 6.57 0.74
C PHE A 68 -10.20 5.81 1.17
N GLN A 69 -11.18 5.68 0.26
CA GLN A 69 -12.41 4.94 0.50
C GLN A 69 -12.73 4.11 -0.74
N ILE A 70 -13.14 2.87 -0.51
CA ILE A 70 -13.52 1.99 -1.63
C ILE A 70 -14.48 0.93 -1.12
N ALA A 71 -15.48 0.57 -1.94
CA ALA A 71 -16.31 -0.60 -1.70
C ALA A 71 -16.24 -1.52 -2.91
N GLY A 72 -16.44 -2.81 -2.65
CA GLY A 72 -16.61 -3.80 -3.68
C GLY A 72 -15.42 -4.73 -3.68
N SER A 73 -15.67 -6.02 -3.92
CA SER A 73 -14.61 -7.02 -3.88
C SER A 73 -13.57 -6.79 -4.97
N SER A 74 -12.30 -6.73 -4.57
CA SER A 74 -11.14 -6.49 -5.41
C SER A 74 -11.09 -5.09 -6.03
N ASN A 75 -11.93 -4.16 -5.60
CA ASN A 75 -11.83 -2.79 -6.04
C ASN A 75 -10.78 -2.07 -5.23
N ARG A 76 -10.35 -0.93 -5.74
CA ARG A 76 -9.22 -0.24 -5.13
C ARG A 76 -9.35 1.26 -5.30
N CYS A 77 -8.68 1.98 -4.41
CA CYS A 77 -8.41 3.40 -4.58
C CYS A 77 -6.95 3.51 -4.14
N GLU A 78 -6.02 3.59 -5.10
CA GLU A 78 -4.60 3.41 -4.80
C GLU A 78 -3.74 4.32 -5.62
N LEU A 79 -2.73 4.89 -4.97
CA LEU A 79 -1.63 5.58 -5.63
C LEU A 79 -0.65 4.55 -6.16
N ARG A 80 -0.20 4.79 -7.39
CA ARG A 80 0.73 3.92 -8.10
C ARG A 80 1.96 4.75 -8.41
N GLN A 81 3.14 4.28 -7.98
CA GLN A 81 4.39 5.05 -8.13
C GLN A 81 4.68 5.38 -9.60
N MET A 82 5.06 6.65 -9.84
CA MET A 82 5.39 7.13 -11.19
C MET A 82 6.73 7.86 -11.13
N ILE A 83 7.36 7.98 -12.29
CA ILE A 83 8.53 8.87 -12.42
C ILE A 83 8.11 10.30 -12.09
N PRO A 84 8.89 11.04 -11.34
CA PRO A 84 8.45 12.36 -10.89
C PRO A 84 8.27 13.36 -12.04
N ASP A 85 7.52 14.43 -11.75
CA ASP A 85 7.42 15.63 -12.61
C ASP A 85 6.77 15.27 -13.94
N GLY A 86 5.66 14.54 -13.86
CA GLY A 86 4.85 14.23 -15.01
C GLY A 86 5.34 13.08 -15.84
N GLY A 87 6.22 12.23 -15.29
CA GLY A 87 6.77 11.10 -16.02
C GLY A 87 5.84 9.92 -16.13
N SER A 88 6.37 8.88 -16.78
CA SER A 88 5.62 7.67 -17.06
C SER A 88 5.78 6.69 -15.89
N GLU A 89 5.22 5.50 -16.09
CA GLU A 89 5.27 4.44 -15.09
C GLU A 89 6.70 4.06 -14.77
N ILE A 90 6.99 3.94 -13.51
CA ILE A 90 8.29 3.47 -13.07
C ILE A 90 8.27 1.96 -12.97
N GLY A 91 9.45 1.36 -13.17
CA GLY A 91 9.70 -0.03 -12.95
C GLY A 91 11.12 -0.17 -12.46
N TRP A 92 11.31 -0.88 -11.35
CA TRP A 92 12.63 -1.18 -10.80
C TRP A 92 12.68 -2.67 -10.47
N ALA A 93 13.84 -3.13 -10.06
CA ALA A 93 14.08 -4.54 -9.80
C ALA A 93 14.63 -4.70 -8.39
N VAL A 94 14.32 -5.84 -7.76
CA VAL A 94 14.76 -6.03 -6.39
C VAL A 94 16.28 -6.20 -6.31
N ASP A 95 16.91 -6.57 -7.43
CA ASP A 95 18.34 -6.82 -7.50
C ASP A 95 19.07 -5.81 -8.36
N ASP A 96 18.54 -4.59 -8.53
CA ASP A 96 19.23 -3.59 -9.35
C ASP A 96 20.31 -2.85 -8.56
N GLY A 97 20.49 -3.15 -7.29
CA GLY A 97 21.55 -2.59 -6.48
C GLY A 97 21.20 -1.32 -5.73
N THR A 98 20.08 -0.68 -6.05
CA THR A 98 19.59 0.53 -5.38
C THR A 98 18.70 0.12 -4.22
N THR A 99 18.74 0.90 -3.14
CA THR A 99 17.75 0.70 -2.07
C THR A 99 16.45 1.39 -2.47
N HIS A 100 15.35 0.63 -2.45
CA HIS A 100 14.02 1.18 -2.75
C HIS A 100 13.27 1.26 -1.43
N THR A 101 12.77 2.44 -1.10
CA THR A 101 12.21 2.69 0.21
C THR A 101 10.87 3.40 0.08
N ALA A 102 9.88 2.90 0.83
CA ALA A 102 8.63 3.64 1.02
C ALA A 102 8.39 3.82 2.51
N THR A 103 7.91 5.00 2.89
CA THR A 103 7.53 5.25 4.27
C THR A 103 6.09 5.75 4.32
N SER A 104 5.45 5.50 5.45
CA SER A 104 4.08 5.98 5.67
C SER A 104 3.79 6.04 7.16
N SER A 105 2.77 6.81 7.47
CA SER A 105 2.16 6.86 8.78
C SER A 105 0.66 6.75 8.52
N ILE A 106 0.04 5.69 9.02
CA ILE A 106 -1.32 5.32 8.66
C ILE A 106 -2.18 5.21 9.91
N VAL A 107 -3.36 5.80 9.87
CA VAL A 107 -4.41 5.54 10.85
C VAL A 107 -5.40 4.60 10.18
N VAL A 108 -5.54 3.41 10.77
CA VAL A 108 -6.51 2.40 10.29
C VAL A 108 -7.70 2.52 11.25
N PRO A 109 -8.80 3.11 10.86
CA PRO A 109 -9.94 3.16 11.75
C PRO A 109 -10.59 1.79 11.88
N GLU A 110 -11.48 1.70 12.85
CA GLU A 110 -12.35 0.54 12.93
C GLU A 110 -13.19 0.45 11.64
N GLN A 111 -13.15 -0.70 11.00
CA GLN A 111 -13.82 -0.91 9.70
C GLN A 111 -15.25 -1.39 9.91
N VAL A 112 -16.13 -0.96 9.00
CA VAL A 112 -17.54 -1.28 9.09
C VAL A 112 -17.74 -2.76 8.82
N ASP A 113 -18.91 -3.24 9.22
CA ASP A 113 -19.26 -4.63 8.99
C ASP A 113 -19.27 -4.91 7.49
N GLY A 114 -18.74 -6.08 7.15
CA GLY A 114 -18.62 -6.50 5.76
C GLY A 114 -17.22 -6.32 5.16
N VAL A 115 -16.38 -5.50 5.77
CA VAL A 115 -14.99 -5.34 5.35
C VAL A 115 -14.17 -6.34 6.16
N GLU A 116 -13.38 -7.16 5.47
N GLU A 116 -13.40 -7.18 5.47
CA GLU A 116 -12.63 -8.25 6.07
CA GLU A 116 -12.63 -8.24 6.08
C GLU A 116 -11.13 -8.13 5.96
C GLU A 116 -11.13 -8.05 6.00
N GLU A 117 -10.62 -7.45 4.92
CA GLU A 117 -9.20 -7.31 4.69
C GLU A 117 -9.01 -6.12 3.76
N VAL A 118 -8.10 -5.24 4.09
CA VAL A 118 -7.79 -4.08 3.28
C VAL A 118 -6.29 -3.99 3.13
N THR A 119 -5.82 -4.09 1.90
CA THR A 119 -4.41 -3.87 1.56
C THR A 119 -4.10 -2.39 1.50
N ILE A 120 -3.08 -1.98 2.23
CA ILE A 120 -2.78 -0.57 2.42
C ILE A 120 -1.43 -0.14 1.84
N MET A 121 -0.49 -1.05 1.65
CA MET A 121 0.71 -0.79 0.85
C MET A 121 1.06 -2.06 0.10
N GLN A 122 1.69 -1.87 -1.05
CA GLN A 122 2.15 -3.00 -1.86
C GLN A 122 3.48 -2.72 -2.55
N ILE A 123 4.20 -3.79 -2.83
CA ILE A 123 5.16 -3.86 -3.93
C ILE A 123 4.52 -4.74 -4.99
N HIS A 124 4.37 -4.20 -6.19
CA HIS A 124 3.67 -4.93 -7.26
C HIS A 124 4.49 -4.86 -8.53
N SER A 125 4.33 -5.85 -9.39
CA SER A 125 5.00 -5.86 -10.71
C SER A 125 3.93 -5.80 -11.80
N GLY A 126 4.29 -5.95 -13.03
CA GLY A 126 3.19 -6.10 -14.00
C GLY A 126 2.07 -7.09 -13.60
N GLU A 127 2.40 -8.20 -12.94
CA GLU A 127 1.54 -9.38 -12.91
CA GLU A 127 1.55 -9.37 -12.91
C GLU A 127 1.24 -9.92 -11.52
N ALA A 128 1.95 -9.50 -10.48
CA ALA A 128 1.67 -10.08 -9.19
C ALA A 128 2.16 -9.14 -8.11
N PRO A 129 1.63 -9.26 -6.88
CA PRO A 129 2.18 -8.52 -5.76
C PRO A 129 3.30 -9.26 -5.08
N GLN A 130 4.45 -8.62 -5.03
CA GLN A 130 5.55 -9.21 -4.27
C GLN A 130 5.25 -9.10 -2.78
N LEU A 131 4.62 -8.00 -2.38
CA LEU A 131 4.35 -7.72 -0.98
C LEU A 131 3.00 -7.06 -0.91
N ARG A 132 2.17 -7.53 0.00
CA ARG A 132 1.03 -6.76 0.51
C ARG A 132 1.14 -6.58 2.02
N ILE A 133 0.94 -5.35 2.50
CA ILE A 133 0.67 -5.06 3.91
C ILE A 133 -0.82 -4.83 4.01
N SER A 134 -1.50 -5.60 4.83
CA SER A 134 -2.96 -5.47 4.94
C SER A 134 -3.44 -5.49 6.38
N TRP A 135 -4.50 -4.75 6.62
CA TRP A 135 -5.32 -4.95 7.81
C TRP A 135 -6.21 -6.16 7.58
N ILE A 136 -6.40 -6.96 8.63
CA ILE A 136 -7.21 -8.15 8.51
C ILE A 136 -8.04 -8.33 9.78
N ARG A 137 -9.33 -8.62 9.58
CA ARG A 137 -10.23 -8.71 10.72
C ARG A 137 -9.92 -9.93 11.60
N SER A 138 -9.75 -11.10 11.00
CA SER A 138 -9.55 -12.34 11.75
C SER A 138 -8.80 -13.34 10.88
N LYS A 139 -7.72 -13.93 11.40
CA LYS A 139 -7.02 -14.95 10.63
C LYS A 139 -6.17 -15.77 11.59
N SER A 140 -5.95 -17.05 11.25
CA SER A 140 -4.99 -17.86 11.97
CA SER A 140 -4.99 -17.88 11.96
C SER A 140 -3.71 -18.00 11.15
N LEU A 141 -2.58 -17.78 11.80
CA LEU A 141 -1.26 -17.90 11.18
C LEU A 141 -0.43 -18.82 12.04
N ASP A 142 0.05 -19.92 11.45
CA ASP A 142 1.00 -20.82 12.13
C ASP A 142 0.41 -21.31 13.44
N GLY A 143 -0.86 -21.62 13.37
CA GLY A 143 -1.54 -22.17 14.52
C GLY A 143 -1.93 -21.20 15.60
N VAL A 144 -1.90 -19.90 15.34
CA VAL A 144 -2.27 -18.89 16.33
C VAL A 144 -3.35 -18.03 15.69
N ALA A 145 -4.46 -17.83 16.41
CA ALA A 145 -5.59 -17.01 15.97
C ALA A 145 -5.32 -15.55 16.35
N TYR A 146 -5.44 -14.65 15.36
CA TYR A 146 -5.21 -13.22 15.57
C TYR A 146 -6.46 -12.49 15.10
N GLU A 147 -6.76 -11.38 15.76
CA GLU A 147 -7.88 -10.52 15.37
C GLU A 147 -7.37 -9.08 15.22
N ASP A 148 -7.97 -8.38 14.29
CA ASP A 148 -7.81 -6.90 14.19
C ASP A 148 -6.32 -6.49 14.14
N PHE A 149 -5.64 -6.96 13.10
CA PHE A 149 -4.19 -6.82 13.07
C PHE A 149 -3.68 -6.48 11.66
N ILE A 150 -2.38 -6.12 11.64
CA ILE A 150 -1.69 -5.79 10.34
C ILE A 150 -0.80 -6.99 10.00
N MET A 151 -0.83 -7.39 8.74
CA MET A 151 -0.11 -8.59 8.28
C MET A 151 0.70 -8.26 7.04
N SER A 152 1.83 -8.92 6.88
CA SER A 152 2.55 -8.88 5.62
C SER A 152 2.39 -10.23 4.92
N THR A 153 2.14 -10.17 3.61
CA THR A 153 2.08 -11.33 2.74
C THR A 153 3.14 -11.13 1.67
N VAL A 154 4.16 -11.99 1.66
CA VAL A 154 5.21 -11.92 0.66
C VAL A 154 5.04 -13.11 -0.26
N ARG A 155 5.12 -12.88 -1.57
CA ARG A 155 5.08 -13.96 -2.55
C ARG A 155 6.50 -14.40 -2.87
N ILE A 156 6.76 -15.69 -2.71
CA ILE A 156 8.02 -16.27 -3.14
C ILE A 156 7.81 -17.25 -4.31
N GLY A 157 6.65 -17.14 -4.98
CA GLY A 157 6.32 -17.82 -6.22
C GLY A 157 5.01 -17.29 -6.72
N THR A 158 4.60 -17.75 -7.90
CA THR A 158 3.37 -17.23 -8.51
C THR A 158 2.18 -18.16 -8.34
N GLY A 159 2.39 -19.33 -7.76
CA GLY A 159 1.32 -20.27 -7.54
C GLY A 159 0.38 -19.88 -6.42
N ASP A 160 -0.61 -20.75 -6.20
CA ASP A 160 -1.71 -20.47 -5.29
C ASP A 160 -1.64 -21.25 -3.99
N SER A 161 -0.86 -22.34 -3.95
CA SER A 161 -0.64 -23.10 -2.73
C SER A 161 0.18 -22.30 -1.71
N SER A 162 0.06 -22.71 -0.45
CA SER A 162 0.60 -21.92 0.65
C SER A 162 2.12 -21.87 0.67
N ASP A 163 2.81 -22.78 -0.05
CA ASP A 163 4.26 -22.69 -0.19
C ASP A 163 4.73 -21.48 -1.01
N ASN A 164 3.83 -20.75 -1.66
CA ASN A 164 4.21 -19.59 -2.40
C ASN A 164 4.23 -18.31 -1.56
N PHE A 165 3.87 -18.39 -0.28
CA PHE A 165 3.63 -17.18 0.52
C PHE A 165 4.39 -17.29 1.81
N VAL A 166 4.86 -16.15 2.31
CA VAL A 166 5.36 -16.02 3.68
C VAL A 166 4.49 -14.95 4.34
N LYS A 167 3.70 -15.35 5.32
CA LYS A 167 2.72 -14.47 5.97
C LYS A 167 3.17 -14.23 7.40
N THR A 168 3.15 -12.97 7.82
CA THR A 168 3.71 -12.57 9.13
C THR A 168 2.80 -11.58 9.84
N HIS A 169 2.55 -11.80 11.13
CA HIS A 169 1.88 -10.80 11.94
C HIS A 169 2.86 -9.69 12.21
N LEU A 170 2.49 -8.46 11.85
CA LEU A 170 3.36 -7.30 12.07
C LEU A 170 3.02 -6.60 13.36
N ALA A 171 1.72 -6.41 13.60
CA ALA A 171 1.31 -5.61 14.76
C ALA A 171 -0.18 -5.70 14.92
N ASP A 172 -0.66 -5.56 16.14
CA ASP A 172 -2.08 -5.37 16.36
C ASP A 172 -2.46 -3.95 15.94
N ARG A 173 -3.66 -3.78 15.40
CA ARG A 173 -4.09 -2.45 14.98
C ARG A 173 -4.19 -1.51 16.19
N THR A 174 -3.67 -0.29 16.03
CA THR A 174 -3.75 0.73 17.05
C THR A 174 -4.73 1.81 16.61
N ALA A 175 -5.33 2.48 17.60
CA ALA A 175 -6.18 3.63 17.31
C ALA A 175 -5.39 4.77 16.68
N GLY A 176 -4.16 4.97 17.14
CA GLY A 176 -3.31 6.04 16.65
C GLY A 176 -2.51 5.64 15.43
N ALA A 177 -1.84 6.63 14.85
CA ALA A 177 -1.02 6.42 13.67
C ALA A 177 0.05 5.36 13.93
N MET A 178 0.23 4.51 12.94
CA MET A 178 1.28 3.49 12.90
C MET A 178 2.22 3.81 11.76
N SER A 179 3.53 3.84 12.05
CA SER A 179 4.50 4.12 10.98
C SER A 179 5.09 2.84 10.40
N PHE A 180 5.23 2.86 9.08
CA PHE A 180 5.76 1.76 8.29
C PHE A 180 6.93 2.25 7.46
N GLN A 181 7.97 1.43 7.40
CA GLN A 181 9.00 1.59 6.39
C GLN A 181 9.26 0.27 5.71
N ILE A 182 9.33 0.30 4.38
CA ILE A 182 9.65 -0.83 3.53
C ILE A 182 10.94 -0.52 2.80
N ASP A 183 11.93 -1.39 2.93
CA ASP A 183 13.21 -1.27 2.21
C ASP A 183 13.45 -2.54 1.42
N VAL A 184 13.84 -2.38 0.16
CA VAL A 184 14.28 -3.49 -0.69
C VAL A 184 15.69 -3.15 -1.17
N LYS A 185 16.64 -4.03 -0.88
CA LYS A 185 18.01 -3.83 -1.35
C LYS A 185 18.65 -5.20 -1.59
N ASP A 186 19.28 -5.38 -2.75
CA ASP A 186 20.02 -6.63 -3.03
C ASP A 186 19.16 -7.86 -2.73
N SER A 187 17.94 -7.84 -3.27
CA SER A 187 16.99 -8.92 -3.20
C SER A 187 16.52 -9.26 -1.80
N LYS A 188 16.64 -8.35 -0.83
CA LYS A 188 16.16 -8.60 0.52
C LYS A 188 15.18 -7.50 0.94
N LEU A 189 14.15 -7.91 1.68
CA LEU A 189 13.08 -7.02 2.13
C LEU A 189 13.17 -6.83 3.63
N THR A 190 13.06 -5.57 4.09
CA THR A 190 13.00 -5.24 5.50
C THR A 190 11.74 -4.39 5.73
N ILE A 191 10.96 -4.77 6.72
CA ILE A 191 9.76 -4.04 7.12
C ILE A 191 9.91 -3.59 8.56
N THR A 192 9.86 -2.27 8.77
CA THR A 192 9.95 -1.65 10.09
C THR A 192 8.60 -1.06 10.44
N VAL A 193 8.10 -1.37 11.64
CA VAL A 193 6.81 -0.91 12.15
C VAL A 193 7.04 -0.15 13.45
N ASN A 194 6.65 1.14 13.47
CA ASN A 194 6.81 1.99 14.66
C ASN A 194 8.26 1.92 15.17
N GLY A 195 9.19 1.89 14.23
CA GLY A 195 10.62 1.95 14.51
C GLY A 195 11.29 0.64 14.84
N ASN A 196 10.56 -0.44 14.90
CA ASN A 196 11.02 -1.77 15.28
C ASN A 196 11.10 -2.63 14.02
N VAL A 197 12.26 -3.22 13.72
CA VAL A 197 12.31 -4.14 12.59
C VAL A 197 11.53 -5.41 12.91
N VAL A 198 10.51 -5.71 12.12
CA VAL A 198 9.71 -6.90 12.31
C VAL A 198 10.04 -7.96 11.27
N VAL A 199 10.26 -7.59 10.04
CA VAL A 199 10.69 -8.49 8.98
C VAL A 199 12.09 -8.07 8.60
N ASN A 200 13.06 -8.96 8.83
CA ASN A 200 14.46 -8.59 8.69
C ASN A 200 15.07 -9.41 7.58
N GLY A 201 15.26 -8.82 6.42
CA GLY A 201 15.96 -9.51 5.34
C GLY A 201 15.26 -10.70 4.71
N GLN A 202 13.95 -10.62 4.54
CA GLN A 202 13.22 -11.63 3.77
C GLN A 202 13.76 -11.73 2.36
N ASP A 203 13.99 -12.96 1.91
CA ASP A 203 14.51 -13.22 0.56
C ASP A 203 13.45 -12.97 -0.52
N LEU A 204 13.79 -12.10 -1.47
CA LEU A 204 12.97 -11.80 -2.64
C LEU A 204 13.63 -12.29 -3.92
N SER A 205 14.66 -13.14 -3.82
CA SER A 205 15.46 -13.45 -5.01
C SER A 205 14.66 -14.22 -6.07
N PHE A 206 13.50 -14.79 -5.73
CA PHE A 206 12.63 -15.34 -6.77
C PHE A 206 12.37 -14.30 -7.85
N TRP A 207 12.32 -13.02 -7.48
CA TRP A 207 11.94 -11.93 -8.37
C TRP A 207 13.15 -11.27 -9.06
N ASP A 208 14.36 -11.75 -8.83
CA ASP A 208 15.53 -11.23 -9.53
C ASP A 208 15.26 -11.16 -11.04
N GLY A 209 15.61 -10.04 -11.63
CA GLY A 209 15.44 -9.83 -13.04
C GLY A 209 14.12 -9.23 -13.46
N THR A 210 13.08 -9.30 -12.62
CA THR A 210 11.82 -8.66 -12.93
C THR A 210 12.00 -7.17 -12.75
N ASP A 211 11.97 -6.40 -13.84
CA ASP A 211 12.31 -4.98 -13.73
C ASP A 211 11.07 -4.10 -13.88
N SER A 212 9.89 -4.59 -13.45
CA SER A 212 8.66 -3.83 -13.53
C SER A 212 8.04 -3.60 -12.14
N CYS A 213 8.82 -3.70 -11.06
CA CYS A 213 8.25 -3.48 -9.72
C CYS A 213 8.04 -2.01 -9.43
N TYR A 214 7.08 -1.75 -8.52
CA TYR A 214 6.75 -0.40 -8.09
C TYR A 214 5.99 -0.47 -6.78
N PHE A 215 5.99 0.66 -6.08
CA PHE A 215 5.20 0.79 -4.85
C PHE A 215 3.77 1.25 -5.17
N LYS A 216 2.84 0.78 -4.33
CA LYS A 216 1.46 1.30 -4.26
C LYS A 216 1.08 1.53 -2.81
N ALA A 217 0.09 2.41 -2.63
CA ALA A 217 -0.44 2.63 -1.31
C ALA A 217 -1.85 3.17 -1.44
N GLY A 218 -2.68 2.86 -0.45
CA GLY A 218 -4.05 3.34 -0.46
C GLY A 218 -4.98 2.33 0.18
N ALA A 219 -6.02 1.93 -0.53
CA ALA A 219 -6.95 0.92 -0.05
C ALA A 219 -7.37 -0.01 -1.18
N TYR A 220 -7.12 -1.28 -1.00
CA TYR A 220 -7.47 -2.32 -1.95
C TYR A 220 -8.24 -3.38 -1.18
N ASN A 221 -9.50 -3.56 -1.54
CA ASN A 221 -10.47 -4.28 -0.71
C ASN A 221 -10.52 -5.76 -1.09
N ASN A 222 -10.18 -6.62 -0.13
CA ASN A 222 -10.02 -8.04 -0.35
C ASN A 222 -11.08 -8.87 0.37
N ASN A 223 -11.76 -9.71 -0.39
CA ASN A 223 -12.72 -10.68 0.14
C ASN A 223 -13.70 -10.10 1.17
N PRO A 224 -14.40 -9.03 0.85
CA PRO A 224 -15.46 -8.56 1.73
C PRO A 224 -16.63 -9.53 1.69
N THR A 225 -17.48 -9.45 2.70
CA THR A 225 -18.74 -10.24 2.74
C THR A 225 -19.93 -9.43 2.29
N SER A 226 -19.72 -8.15 2.01
CA SER A 226 -20.72 -7.29 1.39
C SER A 226 -20.03 -6.36 0.40
N GLU A 227 -20.53 -6.28 -0.81
CA GLU A 227 -19.87 -5.44 -1.81
C GLU A 227 -20.25 -3.98 -1.63
N SER A 228 -21.20 -3.72 -0.75
CA SER A 228 -21.64 -2.35 -0.40
C SER A 228 -20.82 -1.71 0.71
N ALA A 229 -20.03 -2.47 1.46
CA ALA A 229 -19.36 -1.98 2.65
C ALA A 229 -18.11 -1.22 2.23
N THR A 230 -17.96 0.01 2.73
CA THR A 230 -16.87 0.89 2.31
C THR A 230 -15.70 0.81 3.30
N ALA A 231 -14.56 0.34 2.82
CA ALA A 231 -13.27 0.39 3.50
C ALA A 231 -12.76 1.83 3.49
N ARG A 232 -12.04 2.19 4.55
CA ARG A 232 -11.61 3.57 4.76
C ARG A 232 -10.26 3.57 5.46
N ILE A 233 -9.28 4.26 4.89
CA ILE A 233 -7.92 4.26 5.40
C ILE A 233 -7.43 5.70 5.37
N LYS A 234 -6.75 6.15 6.42
CA LYS A 234 -6.32 7.56 6.54
C LYS A 234 -4.80 7.59 6.60
N PHE A 235 -4.15 8.26 5.67
CA PHE A 235 -2.70 8.44 5.69
C PHE A 235 -2.33 9.81 6.26
N ALA A 236 -1.51 9.80 7.28
CA ALA A 236 -0.88 10.99 7.81
C ALA A 236 0.41 11.37 7.09
N ALA A 237 1.08 10.42 6.44
CA ALA A 237 2.31 10.69 5.69
C ALA A 237 2.50 9.55 4.71
N LEU A 238 3.15 9.83 3.58
CA LEU A 238 3.45 8.82 2.57
C LEU A 238 4.55 9.40 1.71
N ALA A 239 5.61 8.61 1.48
CA ALA A 239 6.66 9.05 0.57
C ALA A 239 7.38 7.84 -0.02
N TRP A 240 7.87 8.02 -1.24
CA TRP A 240 8.86 7.14 -1.82
C TRP A 240 10.18 7.87 -1.65
N VAL A 241 11.12 7.24 -0.99
CA VAL A 241 12.37 7.90 -0.59
C VAL A 241 13.48 7.53 -1.58
N ASP A 242 14.01 8.54 -2.27
CA ASP A 242 15.00 8.36 -3.33
C ASP A 242 16.38 8.43 -2.71
N HIS A 243 17.12 7.32 -2.75
CA HIS A 243 18.45 7.25 -2.16
C HIS A 243 19.52 7.87 -3.06
N HIS A 244 19.17 8.18 -4.32
CA HIS A 244 20.08 8.80 -5.27
C HIS A 244 19.93 10.32 -5.38
N HIS A 245 18.83 10.92 -4.93
CA HIS A 245 18.69 12.38 -4.96
C HIS A 245 18.91 12.93 -6.37
N HIS A 246 18.18 12.37 -7.33
CA HIS A 246 18.24 12.83 -8.74
C HIS A 246 16.97 13.62 -9.07
#